data_3OEZ
#
_entry.id   3OEZ
#
_cell.length_a   41.895
_cell.length_b   63.426
_cell.length_c   74.145
_cell.angle_alpha   79.16
_cell.angle_beta   90.02
_cell.angle_gamma   90.19
#
_symmetry.space_group_name_H-M   'P 1'
#
loop_
_entity.id
_entity.type
_entity.pdbx_description
1 polymer 'Proto-oncogene tyrosine-protein kinase Src'
2 non-polymer 4-(4-METHYL-PIPERAZIN-1-YLMETHYL)-N-[4-METHYL-3-(4-PYRIDIN-3-YL-PYRIMIDIN-2-YLAMINO)-PHENYL]-BENZAMIDE
3 non-polymer 'ACETATE ION'
4 non-polymer GLYCEROL
5 water water
#
_entity_poly.entity_id   1
_entity_poly.type   'polypeptide(L)'
_entity_poly.pdbx_seq_one_letter_code
;GHMQTQGLAKDAWEIPRESLRLEVKLGQGCFGEVWMGTWNGTTRVAIKTLKPGTMSPEAFLQEAQVMKKIRHEKLVQLYA
VVSEEPIYIVTEYMSKGSLLDFLKGEMGKYLRLPQLVDMAAQIASGMAYVERMNYVHRDLRAANILVGENLVCKVADFGL
ARLIEDNEYTARQGAKFPIKWTAPEAALYGRFTIKSDVWSFGILLTELTTKGRVPYPGMVNREVLDQVERGYRMPCPPEC
PESLHDLMCQCWRKDPEERPTFEYLQAFLEDYFTSTEPQYQPGENL
;
_entity_poly.pdbx_strand_id   A,B
#
loop_
_chem_comp.id
_chem_comp.type
_chem_comp.name
_chem_comp.formula
ACT non-polymer 'ACETATE ION' 'C2 H3 O2 -1'
GOL non-polymer GLYCEROL 'C3 H8 O3'
STI non-polymer 4-(4-METHYL-PIPERAZIN-1-YLMETHYL)-N-[4-METHYL-3-(4-PYRIDIN-3-YL-PYRIMIDIN-2-YLAMINO)-PHENYL]-BENZAMIDE 'C29 H31 N7 O'
#
# COMPACT_ATOMS: atom_id res chain seq x y z
N LYS A 10 31.08 27.91 -24.24
CA LYS A 10 30.88 27.07 -23.07
C LYS A 10 30.32 25.69 -23.42
N ASP A 11 30.19 24.86 -22.39
CA ASP A 11 29.70 23.49 -22.48
C ASP A 11 28.55 23.28 -23.48
N ALA A 12 28.54 22.14 -24.16
CA ALA A 12 27.54 21.86 -25.21
C ALA A 12 26.21 21.33 -24.68
N TRP A 13 26.13 21.09 -23.38
CA TRP A 13 24.89 20.64 -22.75
C TRP A 13 24.00 21.82 -22.32
N GLU A 14 24.61 23.00 -22.20
CA GLU A 14 23.89 24.22 -21.81
C GLU A 14 22.76 24.57 -22.75
N ILE A 15 21.62 24.91 -22.18
CA ILE A 15 20.49 25.35 -22.98
C ILE A 15 19.94 26.65 -22.40
N PRO A 16 19.36 27.50 -23.25
CA PRO A 16 18.73 28.74 -22.77
C PRO A 16 17.52 28.47 -21.87
N ARG A 17 17.34 29.29 -20.85
CA ARG A 17 16.25 29.07 -19.89
C ARG A 17 14.89 29.03 -20.58
N GLU A 18 14.72 29.85 -21.60
CA GLU A 18 13.45 30.01 -22.29
C GLU A 18 13.00 28.74 -23.00
N SER A 19 13.95 27.82 -23.22
CA SER A 19 13.66 26.60 -23.98
C SER A 19 13.04 25.50 -23.11
N LEU A 20 13.07 25.70 -21.79
CA LEU A 20 12.51 24.75 -20.84
C LEU A 20 11.18 25.21 -20.25
N ARG A 21 10.14 24.41 -20.42
CA ARG A 21 8.90 24.67 -19.70
C ARG A 21 8.57 23.61 -18.66
N LEU A 22 8.31 24.06 -17.43
CA LEU A 22 7.93 23.21 -16.30
C LEU A 22 6.40 23.13 -16.21
N GLU A 23 5.84 21.95 -16.43
CA GLU A 23 4.40 21.78 -16.57
C GLU A 23 3.73 21.09 -15.40
N VAL A 24 4.36 20.05 -14.86
CA VAL A 24 3.77 19.30 -13.75
C VAL A 24 4.82 18.96 -12.69
N LYS A 25 4.58 19.42 -11.46
CA LYS A 25 5.48 19.08 -10.36
C LYS A 25 5.33 17.59 -10.07
N LEU A 26 6.45 16.91 -9.85
CA LEU A 26 6.43 15.46 -9.65
C LEU A 26 6.86 15.03 -8.24
N GLY A 27 7.58 15.92 -7.54
CA GLY A 27 8.00 15.67 -6.18
C GLY A 27 8.87 16.77 -5.61
N GLN A 28 9.19 16.70 -4.33
CA GLN A 28 10.01 17.71 -3.67
C GLN A 28 10.99 17.13 -2.66
N GLY A 29 12.01 17.92 -2.33
CA GLY A 29 12.98 17.53 -1.32
C GLY A 29 13.56 18.77 -0.66
N CYS A 30 14.56 18.58 0.19
CA CYS A 30 15.21 19.71 0.84
C CYS A 30 16.19 20.42 -0.09
N PHE A 31 16.50 19.78 -1.22
CA PHE A 31 17.48 20.33 -2.15
C PHE A 31 16.88 20.78 -3.49
N GLY A 32 15.59 20.56 -3.69
CA GLY A 32 14.95 20.98 -4.93
C GLY A 32 13.65 20.26 -5.27
N GLU A 33 13.31 20.24 -6.56
CA GLU A 33 12.05 19.65 -7.02
C GLU A 33 12.24 18.84 -8.32
N VAL A 34 11.19 18.14 -8.71
CA VAL A 34 11.22 17.43 -9.99
C VAL A 34 9.97 17.76 -10.76
N TRP A 35 10.12 17.98 -12.06
CA TRP A 35 9.00 18.36 -12.90
C TRP A 35 9.01 17.57 -14.20
N MET A 36 7.82 17.33 -14.74
CA MET A 36 7.72 16.94 -16.14
C MET A 36 7.61 18.24 -16.92
N GLY A 37 8.06 18.25 -18.17
CA GLY A 37 7.98 19.47 -18.95
C GLY A 37 8.32 19.31 -20.41
N THR A 38 8.53 20.44 -21.09
CA THR A 38 8.85 20.42 -22.50
C THR A 38 10.13 21.19 -22.76
N TRP A 39 10.95 20.64 -23.64
CA TRP A 39 12.21 21.25 -24.03
C TRP A 39 12.07 21.58 -25.51
N ASN A 40 12.38 22.82 -25.87
CA ASN A 40 12.23 23.29 -27.26
C ASN A 40 10.80 23.15 -27.77
N GLY A 41 9.83 23.23 -26.87
CA GLY A 41 8.43 23.12 -27.25
C GLY A 41 8.05 21.85 -28.00
N THR A 42 8.94 20.86 -28.01
CA THR A 42 8.68 19.63 -28.76
C THR A 42 8.99 18.34 -27.98
N THR A 43 9.97 18.41 -27.09
CA THR A 43 10.46 17.23 -26.39
C THR A 43 10.03 17.21 -24.94
N ARG A 44 9.27 16.18 -24.57
CA ARG A 44 8.87 15.99 -23.17
C ARG A 44 10.10 15.59 -22.39
N VAL A 45 10.20 16.10 -21.16
CA VAL A 45 11.39 15.88 -20.36
C VAL A 45 11.07 15.79 -18.89
N ALA A 46 12.00 15.21 -18.14
CA ALA A 46 12.00 15.31 -16.68
C ALA A 46 13.03 16.37 -16.32
N ILE A 47 12.75 17.14 -15.26
CA ILE A 47 13.59 18.24 -14.87
C ILE A 47 13.86 18.22 -13.36
N LYS A 48 15.12 18.37 -12.98
CA LYS A 48 15.49 18.39 -11.58
C LYS A 48 16.06 19.76 -11.23
N THR A 49 15.49 20.40 -10.22
CA THR A 49 15.92 21.74 -9.83
C THR A 49 16.76 21.71 -8.57
N LEU A 50 17.52 22.78 -8.37
CA LEU A 50 18.28 22.97 -7.14
C LEU A 50 17.75 24.19 -6.40
N LYS A 51 17.34 23.99 -5.15
CA LYS A 51 16.98 25.11 -4.27
C LYS A 51 18.21 25.93 -3.95
N PRO A 52 18.28 27.16 -4.47
CA PRO A 52 19.40 28.01 -4.07
C PRO A 52 19.39 28.15 -2.57
N GLY A 53 20.54 27.94 -1.93
CA GLY A 53 20.64 28.13 -0.49
C GLY A 53 20.59 26.84 0.31
N THR A 54 20.35 25.72 -0.36
CA THR A 54 20.27 24.43 0.32
C THR A 54 21.54 23.60 0.15
N MET A 55 22.13 23.65 -1.04
CA MET A 55 23.27 22.82 -1.35
C MET A 55 24.14 23.49 -2.40
N SER A 56 25.46 23.33 -2.28
CA SER A 56 26.38 24.03 -3.18
C SER A 56 26.24 23.56 -4.63
N PRO A 57 26.25 24.51 -5.56
CA PRO A 57 26.11 24.24 -6.99
C PRO A 57 27.06 23.15 -7.49
N GLU A 58 28.36 23.31 -7.22
CA GLU A 58 29.33 22.34 -7.71
C GLU A 58 29.07 20.93 -7.18
N ALA A 59 28.56 20.86 -5.95
CA ALA A 59 28.19 19.57 -5.36
C ALA A 59 26.97 18.98 -6.08
N PHE A 60 26.11 19.86 -6.57
CA PHE A 60 24.92 19.45 -7.29
C PHE A 60 25.26 19.05 -8.72
N LEU A 61 26.09 19.86 -9.36
CA LEU A 61 26.49 19.62 -10.74
C LEU A 61 27.43 18.42 -10.86
N GLN A 62 27.80 17.83 -9.73
CA GLN A 62 28.61 16.63 -9.76
C GLN A 62 27.83 15.55 -10.50
N GLU A 63 26.54 15.48 -10.18
CA GLU A 63 25.66 14.48 -10.78
C GLU A 63 25.60 14.64 -12.29
N ALA A 64 25.50 15.89 -12.74
CA ALA A 64 25.42 16.17 -14.17
C ALA A 64 26.75 15.80 -14.85
N GLN A 65 27.86 16.06 -14.16
CA GLN A 65 29.19 15.71 -14.69
C GLN A 65 29.29 14.21 -14.93
N VAL A 66 28.83 13.43 -13.96
CA VAL A 66 28.78 11.99 -14.11
C VAL A 66 27.92 11.60 -15.32
N MET A 67 26.72 12.17 -15.39
CA MET A 67 25.75 11.80 -16.41
C MET A 67 26.20 12.16 -17.84
N LYS A 68 27.19 13.03 -17.96
CA LYS A 68 27.73 13.36 -19.26
C LYS A 68 28.61 12.22 -19.80
N LYS A 69 29.19 11.44 -18.91
CA LYS A 69 30.10 10.37 -19.29
C LYS A 69 29.41 8.99 -19.41
N ILE A 70 28.10 8.97 -19.22
CA ILE A 70 27.33 7.72 -19.28
C ILE A 70 26.38 7.73 -20.45
N ARG A 71 26.40 6.67 -21.25
CA ARG A 71 25.47 6.58 -22.38
C ARG A 71 25.08 5.13 -22.66
N HIS A 72 23.81 4.82 -22.46
CA HIS A 72 23.31 3.47 -22.67
C HIS A 72 21.80 3.46 -22.75
N GLU A 73 21.27 2.58 -23.60
CA GLU A 73 19.83 2.56 -23.87
C GLU A 73 18.97 2.16 -22.67
N LYS A 74 19.59 1.66 -21.60
CA LYS A 74 18.86 1.25 -20.41
C LYS A 74 19.27 2.10 -19.23
N LEU A 75 19.90 3.23 -19.53
CA LEU A 75 20.18 4.23 -18.52
C LEU A 75 19.45 5.50 -18.88
N VAL A 76 18.83 6.13 -17.89
CA VAL A 76 18.11 7.37 -18.12
C VAL A 76 19.12 8.36 -18.71
N GLN A 77 18.74 9.00 -19.82
CA GLN A 77 19.67 9.82 -20.58
C GLN A 77 19.59 11.32 -20.26
N LEU A 78 20.70 11.91 -19.83
CA LEU A 78 20.78 13.36 -19.71
C LEU A 78 20.59 14.01 -21.08
N TYR A 79 19.87 15.13 -21.09
CA TYR A 79 19.58 15.86 -22.32
C TYR A 79 20.27 17.21 -22.35
N ALA A 80 20.21 17.93 -21.23
CA ALA A 80 20.76 19.27 -21.15
C ALA A 80 20.85 19.77 -19.70
N VAL A 81 21.58 20.87 -19.51
CA VAL A 81 21.65 21.50 -18.19
C VAL A 81 21.57 23.02 -18.25
N VAL A 82 21.27 23.62 -17.12
CA VAL A 82 21.39 25.05 -16.91
C VAL A 82 22.20 25.11 -15.64
N SER A 83 23.47 25.51 -15.75
CA SER A 83 24.42 25.30 -14.66
C SER A 83 24.77 26.55 -13.85
N GLU A 84 24.05 27.65 -14.08
CA GLU A 84 24.11 28.78 -13.16
C GLU A 84 22.82 28.80 -12.34
N GLU A 85 22.95 28.99 -11.02
CA GLU A 85 21.77 29.05 -10.15
C GLU A 85 20.77 30.06 -10.70
N PRO A 86 19.47 29.69 -10.73
CA PRO A 86 18.94 28.39 -10.33
C PRO A 86 19.31 27.31 -11.34
N ILE A 87 19.74 26.15 -10.85
CA ILE A 87 20.21 25.05 -11.69
C ILE A 87 19.06 24.18 -12.21
N TYR A 88 19.21 23.65 -13.42
CA TYR A 88 18.29 22.65 -13.95
C TYR A 88 19.04 21.52 -14.63
N ILE A 89 18.68 20.28 -14.27
CA ILE A 89 19.15 19.09 -14.96
C ILE A 89 17.99 18.49 -15.78
N VAL A 90 18.26 18.21 -17.04
CA VAL A 90 17.20 17.74 -17.93
C VAL A 90 17.52 16.36 -18.51
N THR A 91 16.56 15.46 -18.41
CA THR A 91 16.74 14.12 -18.99
C THR A 91 15.56 13.74 -19.86
N GLU A 92 15.66 12.57 -20.49
CA GLU A 92 14.52 12.01 -21.20
C GLU A 92 13.39 11.74 -20.22
N TYR A 93 12.16 11.76 -20.72
CA TYR A 93 10.97 11.47 -19.93
C TYR A 93 10.53 10.02 -20.15
N MET A 94 10.10 9.35 -19.08
CA MET A 94 9.65 7.97 -19.17
C MET A 94 8.18 7.89 -18.82
N SER A 95 7.36 7.60 -19.84
CA SER A 95 5.92 7.82 -19.77
C SER A 95 5.16 7.10 -18.65
N LYS A 96 5.69 5.98 -18.15
CA LYS A 96 4.97 5.17 -17.16
C LYS A 96 5.42 5.42 -15.73
N GLY A 97 6.37 6.34 -15.58
CA GLY A 97 6.89 6.66 -14.26
C GLY A 97 7.67 5.50 -13.67
N SER A 98 7.75 5.46 -12.34
CA SER A 98 8.59 4.50 -11.63
C SER A 98 8.10 3.08 -11.79
N LEU A 99 9.05 2.17 -11.85
CA LEU A 99 8.77 0.74 -11.93
C LEU A 99 7.93 0.31 -10.74
N LEU A 100 8.29 0.82 -9.57
CA LEU A 100 7.54 0.57 -8.35
C LEU A 100 6.06 1.00 -8.44
N ASP A 101 5.83 2.25 -8.84
CA ASP A 101 4.44 2.74 -9.04
C ASP A 101 3.71 1.93 -10.11
N PHE A 102 4.42 1.57 -11.15
CA PHE A 102 3.83 0.87 -12.27
C PHE A 102 3.42 -0.53 -11.84
N LEU A 103 4.25 -1.16 -11.00
CA LEU A 103 4.02 -2.53 -10.58
C LEU A 103 2.79 -2.64 -9.70
N LYS A 104 2.55 -1.61 -8.89
CA LYS A 104 1.48 -1.72 -7.90
C LYS A 104 0.17 -1.09 -8.38
N GLY A 105 0.24 -0.31 -9.44
CA GLY A 105 -0.94 0.31 -10.02
C GLY A 105 -1.75 -0.55 -10.98
N GLU A 106 -2.60 0.11 -11.76
CA GLU A 106 -3.54 -0.55 -12.66
C GLU A 106 -2.92 -1.56 -13.64
N MET A 107 -1.75 -1.24 -14.18
CA MET A 107 -1.01 -2.16 -15.04
C MET A 107 -0.57 -3.45 -14.36
N GLY A 108 -0.13 -3.33 -13.13
CA GLY A 108 0.41 -4.46 -12.41
C GLY A 108 -0.43 -5.73 -12.45
N LYS A 109 -1.73 -5.62 -12.59
CA LYS A 109 -2.55 -6.81 -12.50
C LYS A 109 -2.42 -7.65 -13.77
N TYR A 110 -1.95 -7.03 -14.84
CA TYR A 110 -1.86 -7.70 -16.13
C TYR A 110 -0.46 -8.23 -16.47
N LEU A 111 0.55 -7.86 -15.68
CA LEU A 111 1.90 -8.31 -15.98
C LEU A 111 2.09 -9.76 -15.51
N ARG A 112 2.69 -10.58 -16.36
CA ARG A 112 3.00 -11.95 -15.98
C ARG A 112 4.52 -12.17 -16.04
N LEU A 113 4.96 -13.37 -15.65
CA LEU A 113 6.37 -13.75 -15.64
C LEU A 113 7.12 -13.26 -16.90
N PRO A 114 6.60 -13.57 -18.11
CA PRO A 114 7.23 -13.13 -19.36
C PRO A 114 7.54 -11.63 -19.47
N GLN A 115 6.60 -10.76 -19.16
CA GLN A 115 6.92 -9.32 -19.20
C GLN A 115 7.90 -9.01 -18.06
N LEU A 116 7.65 -9.58 -16.89
CA LEU A 116 8.40 -9.27 -15.68
C LEU A 116 9.87 -9.66 -15.82
N VAL A 117 10.13 -10.80 -16.46
CA VAL A 117 11.49 -11.27 -16.68
C VAL A 117 12.19 -10.44 -17.76
N ASP A 118 11.44 -10.01 -18.75
CA ASP A 118 11.97 -9.09 -19.76
C ASP A 118 12.33 -7.72 -19.14
N MET A 119 11.52 -7.24 -18.21
CA MET A 119 11.90 -6.01 -17.51
C MET A 119 13.22 -6.23 -16.75
N ALA A 120 13.34 -7.37 -16.09
CA ALA A 120 14.53 -7.72 -15.32
C ALA A 120 15.77 -7.77 -16.20
N ALA A 121 15.63 -8.40 -17.36
CA ALA A 121 16.73 -8.51 -18.31
C ALA A 121 17.21 -7.14 -18.80
N GLN A 122 16.28 -6.20 -18.91
CA GLN A 122 16.60 -4.84 -19.36
C GLN A 122 17.37 -4.12 -18.29
N ILE A 123 16.85 -4.19 -17.07
CA ILE A 123 17.52 -3.66 -15.90
C ILE A 123 18.93 -4.28 -15.75
N ALA A 124 19.05 -5.59 -15.94
CA ALA A 124 20.36 -6.22 -15.81
C ALA A 124 21.27 -5.73 -16.91
N SER A 125 20.72 -5.53 -18.10
CA SER A 125 21.47 -4.95 -19.22
C SER A 125 22.04 -3.58 -18.84
N GLY A 126 21.17 -2.70 -18.32
CA GLY A 126 21.62 -1.42 -17.83
C GLY A 126 22.70 -1.57 -16.76
N MET A 127 22.49 -2.49 -15.84
CA MET A 127 23.46 -2.69 -14.77
C MET A 127 24.77 -3.31 -15.30
N ALA A 128 24.67 -4.00 -16.43
CA ALA A 128 25.84 -4.65 -17.01
C ALA A 128 26.73 -3.58 -17.62
N TYR A 129 26.10 -2.56 -18.17
CA TYR A 129 26.88 -1.41 -18.64
C TYR A 129 27.59 -0.75 -17.44
N VAL A 130 26.86 -0.53 -16.35
CA VAL A 130 27.48 0.02 -15.15
C VAL A 130 28.65 -0.86 -14.73
N GLU A 131 28.48 -2.17 -14.88
CA GLU A 131 29.51 -3.16 -14.54
C GLU A 131 30.78 -2.99 -15.38
N ARG A 132 30.61 -2.87 -16.69
CA ARG A 132 31.72 -2.67 -17.61
C ARG A 132 32.41 -1.33 -17.38
N MET A 133 31.65 -0.33 -16.98
CA MET A 133 32.18 1.01 -16.77
C MET A 133 32.83 1.14 -15.40
N ASN A 134 32.78 0.07 -14.61
CA ASN A 134 33.38 0.10 -13.28
C ASN A 134 32.78 1.17 -12.35
N TYR A 135 31.49 1.45 -12.52
CA TYR A 135 30.75 2.28 -11.57
C TYR A 135 30.02 1.38 -10.58
N VAL A 136 29.52 1.97 -9.51
CA VAL A 136 28.60 1.31 -8.58
C VAL A 136 27.29 2.12 -8.58
N HIS A 137 26.17 1.48 -8.30
CA HIS A 137 24.92 2.23 -8.23
C HIS A 137 24.62 2.65 -6.79
N ARG A 138 24.56 1.66 -5.90
CA ARG A 138 24.35 1.87 -4.45
C ARG A 138 22.88 1.90 -4.05
N ASP A 139 21.98 2.15 -5.00
CA ASP A 139 20.55 2.17 -4.67
C ASP A 139 19.66 1.56 -5.76
N LEU A 140 20.13 0.47 -6.37
CA LEU A 140 19.29 -0.30 -7.27
C LEU A 140 18.06 -0.86 -6.56
N ARG A 141 16.88 -0.46 -7.04
CA ARG A 141 15.58 -0.98 -6.58
C ARG A 141 14.45 -0.46 -7.48
N ALA A 142 13.28 -1.09 -7.42
CA ALA A 142 12.17 -0.73 -8.33
C ALA A 142 11.85 0.76 -8.31
N ALA A 143 12.01 1.39 -7.15
CA ALA A 143 11.78 2.83 -7.02
C ALA A 143 12.74 3.69 -7.87
N ASN A 144 13.91 3.16 -8.20
CA ASN A 144 14.86 3.84 -9.07
C ASN A 144 14.89 3.29 -10.50
N ILE A 145 13.83 2.60 -10.89
CA ILE A 145 13.70 2.17 -12.26
C ILE A 145 12.54 2.95 -12.88
N LEU A 146 12.76 3.45 -14.09
CA LEU A 146 11.71 4.13 -14.83
C LEU A 146 11.21 3.26 -15.95
N VAL A 147 9.91 3.34 -16.25
CA VAL A 147 9.32 2.56 -17.33
C VAL A 147 8.75 3.46 -18.41
N GLY A 148 9.02 3.11 -19.67
CA GLY A 148 8.54 3.91 -20.78
C GLY A 148 7.54 3.14 -21.61
N GLU A 149 7.36 3.58 -22.84
CA GLU A 149 6.41 2.95 -23.73
C GLU A 149 6.98 1.59 -24.13
N ASN A 150 6.11 0.60 -24.28
CA ASN A 150 6.55 -0.71 -24.77
C ASN A 150 7.36 -1.44 -23.69
N LEU A 151 6.99 -1.21 -22.43
CA LEU A 151 7.60 -1.86 -21.30
C LEU A 151 9.12 -1.66 -21.24
N VAL A 152 9.61 -0.59 -21.86
CA VAL A 152 11.02 -0.23 -21.79
C VAL A 152 11.37 0.21 -20.38
N CYS A 153 12.43 -0.37 -19.82
CA CYS A 153 12.86 -0.04 -18.46
C CYS A 153 14.25 0.55 -18.41
N LYS A 154 14.41 1.65 -17.71
CA LYS A 154 15.72 2.23 -17.61
C LYS A 154 16.09 2.46 -16.16
N VAL A 155 17.37 2.26 -15.87
CA VAL A 155 17.96 2.55 -14.57
C VAL A 155 18.15 4.06 -14.35
N ALA A 156 17.75 4.53 -13.17
CA ALA A 156 17.96 5.91 -12.81
C ALA A 156 18.44 5.95 -11.37
N ASP A 157 18.81 7.15 -10.92
CA ASP A 157 19.09 7.36 -9.51
C ASP A 157 18.50 8.70 -9.10
N PHE A 158 17.37 8.66 -8.38
CA PHE A 158 16.70 9.89 -7.98
C PHE A 158 17.25 10.46 -6.67
N GLY A 159 18.35 9.86 -6.20
CA GLY A 159 19.00 10.30 -4.97
C GLY A 159 18.04 10.29 -3.79
N LEU A 160 17.03 9.42 -3.87
CA LEU A 160 16.00 9.29 -2.82
C LEU A 160 16.61 9.06 -1.45
N PHE A 177 18.31 4.91 5.28
CA PHE A 177 19.03 3.81 4.67
C PHE A 177 18.05 2.74 4.18
N PRO A 178 18.08 2.42 2.88
CA PRO A 178 17.22 1.34 2.38
C PRO A 178 17.84 -0.02 2.71
N ILE A 179 17.92 -0.32 4.01
CA ILE A 179 18.44 -1.58 4.50
C ILE A 179 17.91 -2.83 3.77
N LYS A 180 16.63 -2.86 3.50
CA LYS A 180 16.01 -4.05 2.92
C LYS A 180 16.52 -4.40 1.54
N TRP A 181 17.07 -3.41 0.84
CA TRP A 181 17.60 -3.59 -0.51
C TRP A 181 19.14 -3.67 -0.54
N THR A 182 19.78 -3.52 0.61
CA THR A 182 21.22 -3.34 0.62
C THR A 182 21.96 -4.56 1.12
N ALA A 183 22.98 -4.98 0.36
CA ALA A 183 23.84 -6.09 0.80
C ALA A 183 24.41 -5.83 2.21
N PRO A 184 24.50 -6.89 3.04
CA PRO A 184 24.95 -6.82 4.43
C PRO A 184 26.31 -6.14 4.59
N GLU A 185 27.29 -6.57 3.80
CA GLU A 185 28.61 -5.99 3.88
C GLU A 185 28.62 -4.49 3.53
N ALA A 186 27.61 -4.05 2.79
CA ALA A 186 27.52 -2.65 2.43
C ALA A 186 26.83 -1.87 3.54
N ALA A 187 25.73 -2.42 4.04
CA ALA A 187 24.97 -1.78 5.09
C ALA A 187 25.77 -1.72 6.38
N LEU A 188 26.43 -2.83 6.72
CA LEU A 188 27.17 -2.93 7.98
C LEU A 188 28.52 -2.22 7.93
N TYR A 189 29.31 -2.48 6.88
CA TYR A 189 30.70 -2.04 6.84
C TYR A 189 31.05 -1.06 5.74
N GLY A 190 30.03 -0.52 5.08
CA GLY A 190 30.22 0.45 4.03
C GLY A 190 30.92 -0.07 2.79
N ARG A 191 30.95 -1.39 2.62
CA ARG A 191 31.57 -1.95 1.42
C ARG A 191 30.59 -2.06 0.23
N PHE A 192 30.47 -0.96 -0.52
CA PHE A 192 29.55 -0.88 -1.67
C PHE A 192 30.26 -1.17 -3.00
N THR A 193 30.01 -2.33 -3.58
CA THR A 193 30.57 -2.66 -4.90
C THR A 193 29.48 -3.02 -5.90
N ILE A 194 29.90 -3.33 -7.12
CA ILE A 194 28.97 -3.85 -8.10
C ILE A 194 28.36 -5.17 -7.59
N LYS A 195 29.04 -5.84 -6.66
CA LYS A 195 28.53 -7.08 -6.08
C LYS A 195 27.45 -6.84 -5.03
N SER A 196 27.47 -5.69 -4.39
CA SER A 196 26.36 -5.35 -3.52
C SER A 196 25.20 -4.83 -4.39
N ASP A 197 25.52 -4.32 -5.58
CA ASP A 197 24.48 -4.00 -6.55
C ASP A 197 23.75 -5.28 -6.99
N VAL A 198 24.48 -6.37 -7.12
CA VAL A 198 23.90 -7.64 -7.53
C VAL A 198 22.94 -8.17 -6.48
N TRP A 199 23.26 -7.90 -5.22
CA TRP A 199 22.38 -8.30 -4.12
C TRP A 199 21.05 -7.54 -4.19
N SER A 200 21.16 -6.23 -4.41
CA SER A 200 20.02 -5.34 -4.61
C SER A 200 19.18 -5.82 -5.79
N PHE A 201 19.84 -6.23 -6.86
CA PHE A 201 19.11 -6.75 -8.01
C PHE A 201 18.24 -7.96 -7.62
N GLY A 202 18.80 -8.86 -6.82
CA GLY A 202 18.05 -10.01 -6.34
C GLY A 202 16.80 -9.58 -5.55
N ILE A 203 16.95 -8.56 -4.71
CA ILE A 203 15.81 -7.99 -4.00
C ILE A 203 14.81 -7.36 -4.99
N LEU A 204 15.34 -6.71 -6.03
CA LEU A 204 14.52 -6.15 -7.11
C LEU A 204 13.73 -7.27 -7.83
N LEU A 205 14.32 -8.44 -7.95
CA LEU A 205 13.61 -9.59 -8.50
C LEU A 205 12.37 -9.95 -7.68
N THR A 206 12.42 -9.77 -6.36
CA THR A 206 11.25 -10.06 -5.54
C THR A 206 10.17 -9.00 -5.70
N GLU A 207 10.57 -7.74 -5.83
CA GLU A 207 9.60 -6.67 -6.13
C GLU A 207 8.86 -6.96 -7.44
N LEU A 208 9.60 -7.38 -8.46
CA LEU A 208 8.97 -7.71 -9.73
C LEU A 208 7.95 -8.82 -9.58
N THR A 209 8.29 -9.87 -8.85
CA THR A 209 7.42 -11.04 -8.82
C THR A 209 6.29 -10.95 -7.81
N THR A 210 6.35 -9.96 -6.91
CA THR A 210 5.25 -9.70 -5.98
C THR A 210 4.48 -8.43 -6.36
N LYS A 211 4.71 -7.90 -7.55
CA LYS A 211 4.04 -6.66 -8.00
C LYS A 211 4.33 -5.50 -7.06
N GLY A 212 5.60 -5.30 -6.70
CA GLY A 212 6.01 -4.09 -6.01
C GLY A 212 5.83 -4.05 -4.51
N ARG A 213 5.59 -5.21 -3.89
CA ARG A 213 5.51 -5.31 -2.44
C ARG A 213 6.83 -5.04 -1.75
N VAL A 214 6.77 -4.41 -0.58
CA VAL A 214 7.97 -4.23 0.24
C VAL A 214 8.56 -5.58 0.60
N PRO A 215 9.87 -5.76 0.40
CA PRO A 215 10.58 -7.00 0.77
C PRO A 215 10.55 -7.30 2.29
N TYR A 216 10.70 -8.58 2.66
CA TYR A 216 10.68 -9.00 4.06
C TYR A 216 9.43 -8.49 4.77
N PRO A 217 8.25 -8.87 4.25
CA PRO A 217 6.97 -8.37 4.77
C PRO A 217 6.84 -8.64 6.28
N GLY A 218 6.45 -7.61 7.03
CA GLY A 218 6.27 -7.72 8.46
C GLY A 218 7.51 -7.53 9.31
N MET A 219 8.68 -7.59 8.68
CA MET A 219 9.95 -7.40 9.39
C MET A 219 10.45 -5.96 9.27
N VAL A 220 10.87 -5.38 10.39
CA VAL A 220 11.46 -4.04 10.36
C VAL A 220 12.94 -4.15 9.99
N ASN A 221 13.59 -2.99 9.83
CA ASN A 221 15.00 -2.97 9.46
C ASN A 221 15.84 -3.84 10.40
N ARG A 222 15.67 -3.62 11.70
CA ARG A 222 16.43 -4.36 12.71
C ARG A 222 16.36 -5.88 12.56
N GLU A 223 15.16 -6.44 12.41
CA GLU A 223 15.07 -7.90 12.27
C GLU A 223 15.61 -8.38 10.92
N VAL A 224 15.50 -7.53 9.91
CA VAL A 224 16.05 -7.84 8.58
C VAL A 224 17.56 -8.07 8.66
N LEU A 225 18.23 -7.20 9.41
CA LEU A 225 19.69 -7.30 9.57
C LEU A 225 20.13 -8.47 10.45
N ASP A 226 19.45 -8.68 11.58
CA ASP A 226 19.70 -9.84 12.42
C ASP A 226 19.47 -11.10 11.59
N GLN A 227 18.31 -11.19 10.94
CA GLN A 227 17.91 -12.39 10.24
C GLN A 227 18.80 -12.72 9.04
N VAL A 228 19.12 -11.72 8.23
CA VAL A 228 19.91 -11.97 7.03
C VAL A 228 21.32 -12.38 7.38
N GLU A 229 21.86 -11.79 8.44
CA GLU A 229 23.22 -12.09 8.90
C GLU A 229 23.28 -13.54 9.38
N ARG A 230 22.19 -13.97 10.01
CA ARG A 230 21.99 -15.36 10.39
C ARG A 230 21.71 -16.31 9.19
N GLY A 231 21.66 -15.75 7.97
CA GLY A 231 21.52 -16.58 6.79
C GLY A 231 20.10 -16.78 6.27
N TYR A 232 19.13 -16.13 6.90
CA TYR A 232 17.77 -16.14 6.39
C TYR A 232 17.68 -15.49 5.00
N ARG A 233 16.86 -16.06 4.14
CA ARG A 233 16.61 -15.48 2.82
C ARG A 233 15.13 -15.55 2.49
N MET A 234 14.64 -14.56 1.76
CA MET A 234 13.25 -14.60 1.30
C MET A 234 12.95 -15.91 0.56
N PRO A 235 11.77 -16.47 0.81
CA PRO A 235 11.30 -17.69 0.16
C PRO A 235 10.88 -17.41 -1.28
N CYS A 236 10.77 -18.46 -2.08
CA CYS A 236 10.20 -18.34 -3.42
C CYS A 236 8.79 -17.74 -3.34
N PRO A 237 8.60 -16.52 -3.89
CA PRO A 237 7.26 -15.90 -3.95
C PRO A 237 6.25 -16.83 -4.63
N PRO A 238 4.98 -16.72 -4.25
CA PRO A 238 3.95 -17.58 -4.84
C PRO A 238 3.92 -17.51 -6.37
N GLU A 239 3.91 -18.67 -7.02
CA GLU A 239 3.81 -18.77 -8.48
C GLU A 239 5.09 -18.39 -9.21
N CYS A 240 6.11 -18.03 -8.46
CA CYS A 240 7.42 -17.78 -9.06
C CYS A 240 8.16 -19.11 -9.22
N PRO A 241 8.62 -19.42 -10.45
CA PRO A 241 9.37 -20.66 -10.65
C PRO A 241 10.57 -20.74 -9.70
N GLU A 242 10.78 -21.90 -9.11
CA GLU A 242 11.91 -22.13 -8.20
C GLU A 242 13.22 -21.70 -8.83
N SER A 243 13.36 -21.95 -10.13
CA SER A 243 14.58 -21.56 -10.84
C SER A 243 14.87 -20.06 -10.79
N LEU A 244 13.83 -19.23 -10.69
CA LEU A 244 14.02 -17.79 -10.59
C LEU A 244 14.37 -17.42 -9.16
N HIS A 245 13.78 -18.11 -8.19
CA HIS A 245 14.12 -17.88 -6.79
C HIS A 245 15.55 -18.37 -6.51
N ASP A 246 15.94 -19.45 -7.18
CA ASP A 246 17.31 -19.92 -7.12
C ASP A 246 18.26 -18.77 -7.49
N LEU A 247 17.97 -18.14 -8.62
CA LEU A 247 18.75 -17.00 -9.09
C LEU A 247 18.78 -15.86 -8.07
N MET A 248 17.63 -15.54 -7.50
CA MET A 248 17.62 -14.58 -6.42
C MET A 248 18.67 -15.00 -5.35
N CYS A 249 18.68 -16.28 -5.01
CA CYS A 249 19.53 -16.77 -3.93
C CYS A 249 21.01 -16.70 -4.26
N GLN A 250 21.34 -16.81 -5.54
CA GLN A 250 22.73 -16.61 -5.92
C GLN A 250 23.11 -15.13 -5.74
N CYS A 251 22.13 -14.25 -5.95
CA CYS A 251 22.37 -12.81 -5.81
C CYS A 251 22.57 -12.47 -4.34
N TRP A 252 22.10 -13.37 -3.47
CA TRP A 252 22.13 -13.15 -2.03
C TRP A 252 23.17 -14.01 -1.32
N ARG A 253 24.19 -14.46 -2.06
CA ARG A 253 25.24 -15.24 -1.42
C ARG A 253 25.99 -14.36 -0.43
N LYS A 254 26.25 -14.92 0.75
CA LYS A 254 26.91 -14.19 1.83
C LYS A 254 28.21 -13.58 1.34
N ASP A 255 28.97 -14.36 0.58
CA ASP A 255 30.24 -13.89 0.07
C ASP A 255 30.04 -13.13 -1.22
N PRO A 256 30.36 -11.83 -1.21
CA PRO A 256 30.11 -10.97 -2.38
C PRO A 256 30.65 -11.59 -3.66
N GLU A 257 31.84 -12.16 -3.60
CA GLU A 257 32.48 -12.71 -4.78
C GLU A 257 31.78 -13.96 -5.31
N GLU A 258 30.87 -14.52 -4.51
CA GLU A 258 30.09 -15.68 -4.91
C GLU A 258 28.94 -15.27 -5.83
N ARG A 259 28.52 -14.01 -5.73
CA ARG A 259 27.41 -13.49 -6.51
C ARG A 259 27.79 -13.40 -8.00
N PRO A 260 26.81 -13.58 -8.90
CA PRO A 260 26.98 -13.55 -10.36
C PRO A 260 27.22 -12.14 -10.89
N THR A 261 27.70 -12.02 -12.14
CA THR A 261 27.85 -10.70 -12.73
C THR A 261 26.52 -10.28 -13.38
N PHE A 262 26.38 -8.99 -13.65
CA PHE A 262 25.22 -8.54 -14.38
C PHE A 262 25.27 -9.05 -15.81
N GLU A 263 26.47 -9.36 -16.30
CA GLU A 263 26.59 -9.93 -17.64
C GLU A 263 25.92 -11.29 -17.67
N TYR A 264 26.19 -12.08 -16.64
CA TYR A 264 25.57 -13.39 -16.50
C TYR A 264 24.06 -13.22 -16.28
N LEU A 265 23.69 -12.33 -15.37
CA LEU A 265 22.28 -12.11 -15.05
C LEU A 265 21.49 -11.71 -16.29
N GLN A 266 22.07 -10.84 -17.08
CA GLN A 266 21.44 -10.42 -18.31
C GLN A 266 21.20 -11.62 -19.21
N ALA A 267 22.24 -12.42 -19.45
CA ALA A 267 22.14 -13.51 -20.41
C ALA A 267 21.16 -14.58 -19.93
N PHE A 268 21.16 -14.81 -18.62
CA PHE A 268 20.29 -15.84 -18.05
C PHE A 268 18.81 -15.41 -18.19
N LEU A 269 18.53 -14.13 -17.96
CA LEU A 269 17.16 -13.61 -18.05
C LEU A 269 16.67 -13.48 -19.49
N GLU A 270 17.57 -13.13 -20.41
CA GLU A 270 17.21 -13.05 -21.83
C GLU A 270 16.83 -14.44 -22.39
N ASP A 271 17.46 -15.49 -21.90
CA ASP A 271 17.25 -16.84 -22.43
C ASP A 271 16.25 -17.62 -21.56
N TYR A 272 15.78 -16.99 -20.49
CA TYR A 272 15.06 -17.71 -19.44
C TYR A 272 14.00 -18.73 -19.86
N PHE A 273 13.18 -18.36 -20.83
CA PHE A 273 12.02 -19.17 -21.18
C PHE A 273 12.34 -20.24 -22.18
N THR A 274 13.60 -20.28 -22.61
CA THR A 274 14.06 -21.33 -23.52
C THR A 274 15.01 -22.30 -22.82
N SER A 275 15.97 -21.75 -22.07
CA SER A 275 17.04 -22.54 -21.46
C SER A 275 16.67 -23.10 -20.08
N THR A 276 15.88 -22.33 -19.34
CA THR A 276 15.62 -22.56 -17.93
C THR A 276 14.18 -23.01 -17.68
N GLU A 277 13.22 -22.33 -18.27
CA GLU A 277 11.83 -22.62 -17.93
C GLU A 277 10.97 -22.78 -19.18
N PRO A 278 11.36 -23.70 -20.09
CA PRO A 278 10.71 -23.92 -21.39
C PRO A 278 9.29 -24.49 -21.28
N GLN A 279 8.93 -24.98 -20.11
CA GLN A 279 7.60 -25.58 -19.94
C GLN A 279 6.67 -24.63 -19.22
N TYR A 280 7.11 -23.39 -19.09
CA TYR A 280 6.36 -22.36 -18.38
C TYR A 280 4.94 -22.25 -18.91
N GLN A 281 3.97 -22.26 -18.01
CA GLN A 281 2.57 -22.02 -18.36
C GLN A 281 2.00 -20.91 -17.48
N PRO A 282 1.28 -19.96 -18.11
CA PRO A 282 0.69 -18.81 -17.40
C PRO A 282 -0.09 -19.24 -16.16
N GLY A 283 -0.23 -18.32 -15.21
CA GLY A 283 -0.96 -18.61 -13.99
C GLY A 283 -1.93 -17.49 -13.68
N GLU A 284 -2.44 -17.50 -12.46
CA GLU A 284 -3.38 -16.47 -12.01
C GLU A 284 -2.71 -15.09 -11.90
N ASN A 285 -1.48 -15.04 -11.39
CA ASN A 285 -0.78 -13.77 -11.17
C ASN A 285 0.56 -13.66 -11.89
N LEU A 286 1.26 -14.77 -12.03
CA LEU A 286 2.54 -14.77 -12.76
C LEU A 286 2.51 -15.69 -13.99
N ALA B 9 -34.27 -27.60 17.28
CA ALA B 9 -33.12 -28.34 16.75
C ALA B 9 -31.96 -27.41 16.42
N LYS B 10 -31.08 -27.22 17.40
CA LYS B 10 -30.03 -26.22 17.31
C LYS B 10 -28.73 -26.79 16.76
N ASP B 11 -27.81 -25.92 16.32
CA ASP B 11 -26.53 -26.40 15.82
C ASP B 11 -25.44 -26.33 16.89
N ALA B 12 -24.21 -26.61 16.49
CA ALA B 12 -23.12 -26.72 17.45
C ALA B 12 -22.61 -25.37 17.94
N TRP B 13 -23.23 -24.28 17.48
CA TRP B 13 -22.95 -22.94 18.00
C TRP B 13 -23.74 -22.73 19.29
N GLU B 14 -24.88 -23.41 19.40
CA GLU B 14 -25.79 -23.30 20.53
C GLU B 14 -25.11 -23.59 21.86
N ILE B 15 -25.42 -22.75 22.86
CA ILE B 15 -24.93 -22.96 24.20
C ILE B 15 -26.07 -22.79 25.21
N PRO B 16 -25.90 -23.37 26.41
CA PRO B 16 -26.88 -23.15 27.47
C PRO B 16 -26.79 -21.71 28.00
N ARG B 17 -27.94 -21.06 28.16
CA ARG B 17 -28.01 -19.70 28.70
C ARG B 17 -27.30 -19.62 30.05
N GLU B 18 -27.30 -20.73 30.78
CA GLU B 18 -26.70 -20.77 32.11
C GLU B 18 -25.18 -20.58 32.09
N SER B 19 -24.57 -20.87 30.94
CA SER B 19 -23.13 -20.72 30.76
C SER B 19 -22.76 -19.25 30.58
N LEU B 20 -23.79 -18.40 30.48
CA LEU B 20 -23.61 -16.97 30.28
C LEU B 20 -23.91 -16.13 31.51
N ARG B 21 -22.96 -15.28 31.88
CA ARG B 21 -23.12 -14.36 32.99
C ARG B 21 -23.10 -12.90 32.47
N LEU B 22 -24.28 -12.32 32.27
CA LEU B 22 -24.36 -10.93 31.80
C LEU B 22 -24.05 -9.93 32.92
N GLU B 23 -22.95 -9.20 32.77
CA GLU B 23 -22.47 -8.32 33.83
C GLU B 23 -22.72 -6.83 33.59
N VAL B 24 -21.92 -6.20 32.73
CA VAL B 24 -22.01 -4.75 32.53
C VAL B 24 -22.85 -4.36 31.32
N LYS B 25 -23.71 -3.36 31.49
CA LYS B 25 -24.54 -2.86 30.39
C LYS B 25 -23.73 -1.92 29.51
N LEU B 26 -23.99 -1.92 28.20
CA LEU B 26 -23.22 -1.08 27.28
C LEU B 26 -24.05 -0.16 26.39
N GLY B 27 -24.98 -0.72 25.62
CA GLY B 27 -25.82 0.08 24.75
C GLY B 27 -27.26 -0.45 24.74
N GLN B 28 -28.21 0.36 24.31
CA GLN B 28 -29.61 -0.07 24.31
C GLN B 28 -30.36 0.31 23.03
N GLY B 29 -31.45 -0.41 22.77
CA GLY B 29 -32.29 -0.16 21.62
C GLY B 29 -33.62 -0.89 21.75
N CYS B 30 -34.36 -0.99 20.65
CA CYS B 30 -35.58 -1.80 20.64
C CYS B 30 -35.19 -3.26 20.66
N PHE B 31 -34.39 -3.65 19.67
CA PHE B 31 -33.98 -5.03 19.44
C PHE B 31 -33.19 -5.68 20.58
N GLY B 32 -32.70 -4.88 21.53
CA GLY B 32 -31.97 -5.44 22.66
C GLY B 32 -30.92 -4.54 23.29
N GLU B 33 -29.77 -5.14 23.62
CA GLU B 33 -28.72 -4.43 24.33
C GLU B 33 -27.34 -4.90 23.88
N VAL B 34 -26.33 -4.55 24.67
CA VAL B 34 -24.99 -5.12 24.57
C VAL B 34 -24.33 -5.09 25.95
N TRP B 35 -23.88 -6.25 26.41
CA TRP B 35 -23.24 -6.35 27.71
C TRP B 35 -21.87 -6.97 27.58
N MET B 36 -21.00 -6.69 28.55
CA MET B 36 -19.83 -7.52 28.75
C MET B 36 -20.21 -8.59 29.76
N GLY B 37 -20.05 -9.85 29.38
CA GLY B 37 -20.36 -10.95 30.28
C GLY B 37 -19.21 -11.94 30.33
N THR B 38 -19.41 -13.03 31.07
CA THR B 38 -18.43 -14.10 31.10
C THR B 38 -19.05 -15.36 30.53
N TRP B 39 -18.24 -16.18 29.88
CA TRP B 39 -18.73 -17.39 29.26
C TRP B 39 -18.09 -18.60 29.93
N ASN B 40 -18.92 -19.54 30.38
CA ASN B 40 -18.43 -20.70 31.11
C ASN B 40 -17.56 -20.30 32.28
N GLY B 41 -17.85 -19.12 32.82
CA GLY B 41 -17.17 -18.60 34.00
C GLY B 41 -15.68 -18.37 33.80
N THR B 42 -15.21 -18.48 32.56
CA THR B 42 -13.77 -18.45 32.30
C THR B 42 -13.38 -17.50 31.17
N THR B 43 -14.29 -17.29 30.23
CA THR B 43 -13.99 -16.51 29.04
C THR B 43 -14.81 -15.23 28.97
N ARG B 44 -14.13 -14.10 28.80
CA ARG B 44 -14.79 -12.81 28.68
C ARG B 44 -15.32 -12.61 27.27
N VAL B 45 -16.55 -12.12 27.16
CA VAL B 45 -17.20 -11.95 25.87
C VAL B 45 -18.15 -10.78 25.89
N ALA B 46 -18.57 -10.36 24.71
CA ALA B 46 -19.63 -9.38 24.57
C ALA B 46 -20.87 -10.12 24.08
N ILE B 47 -22.03 -9.72 24.59
CA ILE B 47 -23.30 -10.39 24.30
C ILE B 47 -24.34 -9.40 23.81
N LYS B 48 -24.92 -9.65 22.64
CA LYS B 48 -25.96 -8.78 22.11
C LYS B 48 -27.33 -9.42 22.25
N THR B 49 -28.23 -8.71 22.93
CA THR B 49 -29.55 -9.23 23.27
C THR B 49 -30.59 -8.99 22.16
N LEU B 50 -31.64 -9.81 22.18
CA LEU B 50 -32.86 -9.52 21.44
C LEU B 50 -34.00 -9.23 22.41
N LYS B 51 -34.67 -8.09 22.21
CA LYS B 51 -35.82 -7.75 23.02
C LYS B 51 -36.91 -8.76 22.77
N PRO B 52 -37.47 -9.32 23.85
CA PRO B 52 -38.45 -10.41 23.86
C PRO B 52 -39.16 -10.61 22.52
N GLY B 53 -39.81 -9.57 22.00
CA GLY B 53 -40.55 -9.73 20.76
C GLY B 53 -40.34 -8.65 19.73
N THR B 54 -39.10 -8.22 19.53
CA THR B 54 -38.80 -7.21 18.51
C THR B 54 -38.66 -7.84 17.12
N MET B 55 -37.92 -8.94 17.06
CA MET B 55 -37.68 -9.61 15.77
C MET B 55 -37.73 -11.13 15.92
N SER B 56 -38.55 -11.77 15.09
CA SER B 56 -38.72 -13.21 15.12
C SER B 56 -37.39 -13.95 15.24
N PRO B 57 -37.39 -15.12 15.90
CA PRO B 57 -36.18 -15.93 16.11
C PRO B 57 -35.42 -16.24 14.83
N GLU B 58 -36.02 -16.96 13.90
CA GLU B 58 -35.32 -17.36 12.67
C GLU B 58 -34.90 -16.16 11.82
N ALA B 59 -35.25 -14.95 12.28
CA ALA B 59 -34.94 -13.70 11.58
C ALA B 59 -33.83 -12.90 12.27
N PHE B 60 -34.00 -12.63 13.56
CA PHE B 60 -32.94 -11.99 14.34
C PHE B 60 -31.72 -12.91 14.35
N LEU B 61 -31.90 -14.10 13.78
CA LEU B 61 -30.88 -15.13 13.78
C LEU B 61 -30.40 -15.49 12.39
N GLN B 62 -30.77 -14.69 11.39
CA GLN B 62 -30.15 -14.84 10.09
C GLN B 62 -28.83 -14.08 10.08
N GLU B 63 -28.71 -13.12 11.00
CA GLU B 63 -27.43 -12.44 11.24
C GLU B 63 -26.47 -13.40 11.92
N ALA B 64 -27.03 -14.41 12.59
CA ALA B 64 -26.25 -15.52 13.08
C ALA B 64 -25.84 -16.42 11.91
N GLN B 65 -26.80 -16.79 11.07
CA GLN B 65 -26.53 -17.62 9.90
C GLN B 65 -25.36 -17.02 9.12
N VAL B 66 -25.34 -15.70 9.02
CA VAL B 66 -24.31 -14.98 8.29
C VAL B 66 -22.99 -15.02 9.04
N MET B 67 -23.01 -14.66 10.32
CA MET B 67 -21.81 -14.61 11.13
C MET B 67 -21.10 -15.96 11.24
N LYS B 68 -21.86 -17.05 11.11
CA LYS B 68 -21.30 -18.38 11.32
C LYS B 68 -20.29 -18.79 10.24
N LYS B 69 -20.49 -18.31 9.01
CA LYS B 69 -19.57 -18.65 7.92
C LYS B 69 -18.29 -17.83 7.97
N ILE B 70 -18.26 -16.82 8.84
CA ILE B 70 -17.17 -15.85 8.85
C ILE B 70 -16.08 -16.14 9.89
N ARG B 71 -14.85 -16.23 9.41
CA ARG B 71 -13.70 -16.48 10.29
C ARG B 71 -12.45 -15.82 9.73
N HIS B 72 -12.10 -14.67 10.30
CA HIS B 72 -10.88 -13.96 9.96
C HIS B 72 -10.40 -13.19 11.19
N GLU B 73 -9.12 -12.92 11.29
CA GLU B 73 -8.60 -12.27 12.48
C GLU B 73 -8.97 -10.79 12.55
N LYS B 74 -9.41 -10.22 11.45
CA LYS B 74 -9.81 -8.81 11.45
C LYS B 74 -11.32 -8.65 11.41
N LEU B 75 -12.04 -9.74 11.64
CA LEU B 75 -13.48 -9.71 11.82
C LEU B 75 -13.84 -10.22 13.19
N VAL B 76 -14.74 -9.49 13.86
CA VAL B 76 -15.19 -9.87 15.19
C VAL B 76 -15.80 -11.26 15.14
N GLN B 77 -15.24 -12.14 15.96
CA GLN B 77 -15.52 -13.57 15.89
C GLN B 77 -16.78 -13.97 16.67
N LEU B 78 -17.69 -14.65 15.99
CA LEU B 78 -18.78 -15.32 16.67
C LEU B 78 -18.25 -16.41 17.59
N TYR B 79 -18.85 -16.54 18.76
CA TYR B 79 -18.43 -17.53 19.75
C TYR B 79 -19.54 -18.56 19.95
N ALA B 80 -20.76 -18.07 20.09
CA ALA B 80 -21.90 -18.91 20.42
C ALA B 80 -23.20 -18.14 20.23
N VAL B 81 -24.31 -18.86 20.18
CA VAL B 81 -25.63 -18.24 20.14
C VAL B 81 -26.61 -18.93 21.08
N VAL B 82 -27.61 -18.18 21.52
CA VAL B 82 -28.76 -18.74 22.21
C VAL B 82 -29.99 -18.43 21.36
N SER B 83 -30.49 -19.43 20.63
CA SER B 83 -31.58 -19.19 19.69
C SER B 83 -32.97 -19.36 20.30
N GLU B 84 -33.08 -19.00 21.58
CA GLU B 84 -34.37 -19.00 22.25
C GLU B 84 -34.58 -17.65 22.94
N GLU B 85 -35.80 -17.12 22.87
CA GLU B 85 -36.10 -15.85 23.53
C GLU B 85 -35.97 -15.99 25.05
N PRO B 86 -35.23 -15.07 25.68
CA PRO B 86 -34.50 -13.93 25.09
C PRO B 86 -33.25 -14.34 24.30
N ILE B 87 -33.30 -14.16 22.98
CA ILE B 87 -32.19 -14.51 22.09
C ILE B 87 -30.89 -13.78 22.45
N TYR B 88 -29.77 -14.50 22.39
CA TYR B 88 -28.45 -13.88 22.56
C TYR B 88 -27.52 -14.19 21.40
N ILE B 89 -26.56 -13.30 21.16
CA ILE B 89 -25.48 -13.55 20.22
C ILE B 89 -24.18 -13.21 20.92
N VAL B 90 -23.26 -14.17 20.97
CA VAL B 90 -22.05 -13.99 21.75
C VAL B 90 -20.82 -13.92 20.85
N THR B 91 -19.89 -13.02 21.17
CA THR B 91 -18.69 -12.86 20.36
C THR B 91 -17.51 -12.54 21.23
N GLU B 92 -16.32 -12.50 20.64
CA GLU B 92 -15.16 -12.04 21.36
C GLU B 92 -15.41 -10.61 21.84
N TYR B 93 -14.63 -10.23 22.84
CA TYR B 93 -14.75 -8.94 23.49
C TYR B 93 -13.62 -8.04 23.02
N MET B 94 -13.93 -6.78 22.71
CA MET B 94 -12.93 -5.84 22.22
C MET B 94 -12.72 -4.71 23.21
N SER B 95 -11.60 -4.79 23.91
CA SER B 95 -11.36 -4.03 25.14
C SER B 95 -11.52 -2.52 25.02
N LYS B 96 -11.20 -1.97 23.85
CA LYS B 96 -11.20 -0.52 23.69
C LYS B 96 -12.43 0.08 23.03
N GLY B 97 -13.45 -0.73 22.78
CA GLY B 97 -14.71 -0.22 22.23
C GLY B 97 -14.61 0.20 20.78
N SER B 98 -15.56 1.00 20.32
CA SER B 98 -15.60 1.39 18.92
C SER B 98 -14.50 2.37 18.49
N LEU B 99 -14.12 2.28 17.23
CA LEU B 99 -13.08 3.11 16.64
C LEU B 99 -13.50 4.59 16.66
N LEU B 100 -14.76 4.85 16.36
CA LEU B 100 -15.29 6.20 16.44
C LEU B 100 -15.11 6.80 17.85
N ASP B 101 -15.45 6.03 18.88
CA ASP B 101 -15.30 6.54 20.26
C ASP B 101 -13.83 6.71 20.60
N PHE B 102 -13.03 5.76 20.15
CA PHE B 102 -11.60 5.79 20.38
C PHE B 102 -10.96 7.03 19.76
N LEU B 103 -11.27 7.26 18.49
CA LEU B 103 -10.73 8.38 17.75
C LEU B 103 -11.08 9.73 18.37
N LYS B 104 -12.28 9.87 18.93
CA LYS B 104 -12.68 11.19 19.43
C LYS B 104 -12.49 11.32 20.94
N GLY B 105 -12.05 10.24 21.56
CA GLY B 105 -11.79 10.21 22.98
C GLY B 105 -10.36 10.62 23.33
N GLU B 106 -10.00 10.42 24.58
CA GLU B 106 -8.68 10.77 25.11
C GLU B 106 -7.50 10.25 24.27
N MET B 107 -7.67 9.13 23.58
CA MET B 107 -6.61 8.59 22.72
C MET B 107 -6.45 9.38 21.43
N GLY B 108 -7.50 10.07 21.04
CA GLY B 108 -7.51 10.80 19.79
C GLY B 108 -6.32 11.70 19.59
N LYS B 109 -5.95 12.44 20.62
CA LYS B 109 -4.94 13.46 20.46
C LYS B 109 -3.55 12.86 20.18
N TYR B 110 -3.40 11.56 20.44
CA TYR B 110 -2.09 10.94 20.32
C TYR B 110 -1.82 10.15 19.03
N LEU B 111 -2.87 9.68 18.38
CA LEU B 111 -2.71 8.92 17.14
C LEU B 111 -2.13 9.79 16.05
N ARG B 112 -1.05 9.34 15.41
CA ARG B 112 -0.56 10.06 14.24
C ARG B 112 -0.78 9.23 12.98
N LEU B 113 -0.34 9.73 11.84
CA LEU B 113 -0.58 9.02 10.58
C LEU B 113 -0.17 7.53 10.62
N PRO B 114 1.02 7.21 11.15
CA PRO B 114 1.43 5.81 11.18
C PRO B 114 0.47 4.87 11.93
N GLN B 115 -0.03 5.30 13.08
CA GLN B 115 -0.98 4.47 13.81
C GLN B 115 -2.29 4.39 13.03
N LEU B 116 -2.66 5.50 12.42
CA LEU B 116 -3.94 5.61 11.74
C LEU B 116 -3.95 4.77 10.47
N VAL B 117 -2.82 4.75 9.76
CA VAL B 117 -2.72 3.98 8.54
C VAL B 117 -2.66 2.48 8.84
N ASP B 118 -2.00 2.12 9.94
CA ASP B 118 -1.98 0.72 10.35
C ASP B 118 -3.41 0.24 10.64
N MET B 119 -4.18 1.05 11.35
CA MET B 119 -5.57 0.73 11.61
C MET B 119 -6.32 0.57 10.30
N ALA B 120 -6.07 1.46 9.35
CA ALA B 120 -6.75 1.40 8.06
C ALA B 120 -6.36 0.09 7.39
N ALA B 121 -5.08 -0.29 7.52
CA ALA B 121 -4.56 -1.53 6.95
C ALA B 121 -5.27 -2.78 7.46
N GLN B 122 -5.47 -2.86 8.77
CA GLN B 122 -6.18 -3.98 9.36
C GLN B 122 -7.63 -4.07 8.86
N ILE B 123 -8.28 -2.92 8.79
CA ILE B 123 -9.66 -2.85 8.32
C ILE B 123 -9.72 -3.28 6.85
N ALA B 124 -8.78 -2.82 6.04
CA ALA B 124 -8.71 -3.25 4.66
C ALA B 124 -8.51 -4.78 4.56
N SER B 125 -7.75 -5.34 5.50
CA SER B 125 -7.56 -6.79 5.58
C SER B 125 -8.87 -7.51 5.89
N GLY B 126 -9.60 -7.02 6.89
CA GLY B 126 -10.89 -7.58 7.19
C GLY B 126 -11.75 -7.59 5.94
N MET B 127 -11.88 -6.42 5.33
CA MET B 127 -12.70 -6.25 4.15
C MET B 127 -12.18 -7.01 2.93
N ALA B 128 -10.88 -7.28 2.92
CA ALA B 128 -10.31 -8.05 1.83
C ALA B 128 -10.85 -9.48 1.94
N TYR B 129 -10.99 -9.95 3.18
CA TYR B 129 -11.53 -11.27 3.43
C TYR B 129 -12.99 -11.31 2.98
N VAL B 130 -13.73 -10.27 3.35
CA VAL B 130 -15.11 -10.12 2.93
C VAL B 130 -15.22 -10.10 1.40
N GLU B 131 -14.25 -9.45 0.76
CA GLU B 131 -14.15 -9.44 -0.69
C GLU B 131 -13.94 -10.85 -1.26
N ARG B 132 -13.04 -11.62 -0.64
CA ARG B 132 -12.70 -12.96 -1.13
C ARG B 132 -13.88 -13.91 -0.96
N MET B 133 -14.66 -13.71 0.10
CA MET B 133 -15.81 -14.55 0.37
C MET B 133 -17.05 -14.09 -0.41
N ASN B 134 -16.86 -13.08 -1.26
CA ASN B 134 -17.98 -12.52 -2.00
C ASN B 134 -19.16 -12.11 -1.12
N TYR B 135 -18.85 -11.63 0.09
CA TYR B 135 -19.85 -11.02 0.96
C TYR B 135 -19.88 -9.50 0.77
N VAL B 136 -20.96 -8.87 1.21
CA VAL B 136 -21.04 -7.41 1.24
C VAL B 136 -21.30 -6.96 2.68
N HIS B 137 -20.68 -5.86 3.10
CA HIS B 137 -20.88 -5.39 4.48
C HIS B 137 -22.10 -4.47 4.59
N ARG B 138 -22.08 -3.39 3.81
CA ARG B 138 -23.21 -2.46 3.70
C ARG B 138 -23.19 -1.30 4.70
N ASP B 139 -22.55 -1.48 5.84
CA ASP B 139 -22.48 -0.40 6.81
C ASP B 139 -21.08 -0.26 7.40
N LEU B 140 -20.07 -0.19 6.52
CA LEU B 140 -18.70 -0.01 6.94
C LEU B 140 -18.41 1.46 7.28
N ARG B 141 -17.93 1.69 8.51
CA ARG B 141 -17.70 3.03 9.04
C ARG B 141 -17.08 2.88 10.43
N ALA B 142 -16.47 3.94 10.94
CA ALA B 142 -15.69 3.86 12.19
C ALA B 142 -16.52 3.37 13.39
N ALA B 143 -17.81 3.67 13.39
CA ALA B 143 -18.68 3.26 14.48
C ALA B 143 -18.90 1.74 14.52
N ASN B 144 -18.61 1.05 13.43
CA ASN B 144 -18.75 -0.40 13.36
C ASN B 144 -17.40 -1.08 13.29
N ILE B 145 -16.36 -0.37 13.68
CA ILE B 145 -15.07 -1.00 13.87
C ILE B 145 -14.81 -1.03 15.39
N LEU B 146 -14.35 -2.18 15.88
CA LEU B 146 -14.05 -2.35 17.30
C LEU B 146 -12.53 -2.41 17.50
N VAL B 147 -12.07 -1.71 18.52
CA VAL B 147 -10.64 -1.62 18.82
C VAL B 147 -10.32 -2.52 20.02
N GLY B 148 -9.21 -3.24 19.92
CA GLY B 148 -8.79 -4.14 20.98
C GLY B 148 -7.43 -3.76 21.51
N GLU B 149 -6.79 -4.67 22.23
CA GLU B 149 -5.46 -4.41 22.79
C GLU B 149 -4.44 -4.26 21.66
N ASN B 150 -3.49 -3.35 21.84
CA ASN B 150 -2.41 -3.22 20.87
C ASN B 150 -2.92 -2.63 19.52
N LEU B 151 -4.00 -1.86 19.62
CA LEU B 151 -4.51 -1.11 18.49
C LEU B 151 -5.07 -2.04 17.42
N VAL B 152 -5.33 -3.29 17.77
CA VAL B 152 -6.00 -4.22 16.89
C VAL B 152 -7.37 -3.65 16.54
N CYS B 153 -7.70 -3.63 15.25
CA CYS B 153 -9.00 -3.18 14.77
C CYS B 153 -9.72 -4.31 14.07
N LYS B 154 -10.99 -4.50 14.38
CA LYS B 154 -11.76 -5.56 13.74
C LYS B 154 -13.10 -5.05 13.25
N VAL B 155 -13.49 -5.51 12.06
CA VAL B 155 -14.78 -5.18 11.50
C VAL B 155 -15.90 -5.85 12.30
N ALA B 156 -16.94 -5.07 12.60
CA ALA B 156 -18.14 -5.55 13.29
C ALA B 156 -19.35 -5.04 12.50
N ASP B 157 -20.55 -5.44 12.89
CA ASP B 157 -21.77 -4.84 12.34
C ASP B 157 -22.87 -4.69 13.40
N PHE B 158 -23.06 -3.47 13.90
CA PHE B 158 -24.03 -3.22 14.97
C PHE B 158 -25.47 -3.02 14.48
N GLY B 159 -25.72 -3.31 13.20
CA GLY B 159 -27.06 -3.24 12.64
C GLY B 159 -27.66 -1.84 12.68
N PHE B 177 -30.43 7.23 8.15
CA PHE B 177 -29.55 6.26 7.49
C PHE B 177 -28.19 6.87 7.07
N PRO B 178 -27.17 6.01 6.91
CA PRO B 178 -25.77 6.43 6.75
C PRO B 178 -25.46 6.99 5.35
N ILE B 179 -26.28 7.91 4.86
CA ILE B 179 -26.06 8.51 3.55
C ILE B 179 -24.66 9.09 3.35
N LYS B 180 -24.05 9.58 4.43
CA LYS B 180 -22.74 10.22 4.30
C LYS B 180 -21.67 9.19 3.98
N TRP B 181 -21.89 7.95 4.43
CA TRP B 181 -20.95 6.84 4.24
C TRP B 181 -21.34 5.92 3.07
N THR B 182 -22.49 6.17 2.48
CA THR B 182 -23.04 5.23 1.52
C THR B 182 -22.77 5.64 0.07
N ALA B 183 -22.25 4.71 -0.72
CA ALA B 183 -22.01 4.99 -2.13
C ALA B 183 -23.33 5.42 -2.78
N PRO B 184 -23.27 6.35 -3.75
CA PRO B 184 -24.46 6.91 -4.40
C PRO B 184 -25.37 5.83 -5.01
N GLU B 185 -24.80 4.97 -5.84
CA GLU B 185 -25.59 3.92 -6.47
C GLU B 185 -26.35 3.11 -5.44
N ALA B 186 -25.78 3.00 -4.25
CA ALA B 186 -26.33 2.10 -3.25
C ALA B 186 -27.43 2.81 -2.47
N ALA B 187 -27.23 4.09 -2.22
CA ALA B 187 -28.22 4.87 -1.49
C ALA B 187 -29.41 5.15 -2.40
N LEU B 188 -29.13 5.39 -3.67
CA LEU B 188 -30.18 5.72 -4.62
C LEU B 188 -30.93 4.50 -5.15
N TYR B 189 -30.20 3.50 -5.66
CA TYR B 189 -30.82 2.41 -6.39
C TYR B 189 -30.71 1.06 -5.68
N GLY B 190 -30.29 1.11 -4.41
CA GLY B 190 -30.12 -0.09 -3.62
C GLY B 190 -29.06 -1.05 -4.14
N ARG B 191 -28.13 -0.55 -4.94
CA ARG B 191 -27.08 -1.42 -5.49
C ARG B 191 -25.89 -1.59 -4.53
N PHE B 192 -26.05 -2.46 -3.53
CA PHE B 192 -25.01 -2.73 -2.55
C PHE B 192 -24.04 -3.80 -2.98
N THR B 193 -22.76 -3.44 -3.08
CA THR B 193 -21.73 -4.36 -3.54
C THR B 193 -20.44 -4.09 -2.79
N ILE B 194 -19.47 -4.99 -2.91
CA ILE B 194 -18.17 -4.77 -2.28
C ILE B 194 -17.61 -3.41 -2.72
N LYS B 195 -18.03 -2.96 -3.90
CA LYS B 195 -17.55 -1.69 -4.44
C LYS B 195 -18.23 -0.50 -3.77
N SER B 196 -19.42 -0.69 -3.26
CA SER B 196 -20.01 0.39 -2.45
C SER B 196 -19.37 0.36 -1.03
N ASP B 197 -19.06 -0.84 -0.54
CA ASP B 197 -18.22 -0.98 0.64
C ASP B 197 -16.89 -0.22 0.48
N VAL B 198 -16.27 -0.34 -0.69
CA VAL B 198 -15.03 0.42 -0.95
C VAL B 198 -15.27 1.92 -0.85
N TRP B 199 -16.44 2.39 -1.28
CA TRP B 199 -16.77 3.79 -1.14
C TRP B 199 -16.79 4.19 0.34
N SER B 200 -17.43 3.37 1.14
CA SER B 200 -17.55 3.62 2.57
C SER B 200 -16.15 3.67 3.19
N PHE B 201 -15.31 2.71 2.81
CA PHE B 201 -13.94 2.70 3.29
C PHE B 201 -13.27 4.06 3.06
N GLY B 202 -13.46 4.64 1.89
CA GLY B 202 -12.95 5.98 1.64
C GLY B 202 -13.39 7.01 2.67
N ILE B 203 -14.68 7.02 2.99
CA ILE B 203 -15.21 7.92 4.02
C ILE B 203 -14.60 7.59 5.39
N LEU B 204 -14.50 6.30 5.70
CA LEU B 204 -13.85 5.85 6.90
C LEU B 204 -12.42 6.42 6.97
N LEU B 205 -11.75 6.56 5.82
CA LEU B 205 -10.39 7.12 5.83
C LEU B 205 -10.40 8.59 6.28
N THR B 206 -11.52 9.28 6.06
CA THR B 206 -11.60 10.68 6.47
C THR B 206 -11.91 10.75 7.97
N GLU B 207 -12.68 9.79 8.47
CA GLU B 207 -12.87 9.68 9.91
C GLU B 207 -11.52 9.45 10.61
N LEU B 208 -10.74 8.52 10.10
CA LEU B 208 -9.44 8.22 10.69
C LEU B 208 -8.56 9.46 10.68
N THR B 209 -8.53 10.17 9.57
CA THR B 209 -7.60 11.30 9.48
C THR B 209 -8.11 12.59 10.08
N THR B 210 -9.38 12.63 10.48
CA THR B 210 -9.89 13.80 11.19
C THR B 210 -10.22 13.53 12.67
N LYS B 211 -9.69 12.44 13.21
CA LYS B 211 -9.99 12.04 14.59
C LYS B 211 -11.48 11.85 14.83
N GLY B 212 -12.16 11.24 13.87
CA GLY B 212 -13.54 10.84 14.06
C GLY B 212 -14.61 11.88 13.78
N ARG B 213 -14.24 12.98 13.12
CA ARG B 213 -15.22 14.00 12.73
C ARG B 213 -16.23 13.47 11.72
N VAL B 214 -17.48 13.84 11.90
CA VAL B 214 -18.51 13.55 10.92
C VAL B 214 -18.12 14.13 9.55
N PRO B 215 -18.23 13.32 8.50
CA PRO B 215 -17.89 13.72 7.12
C PRO B 215 -18.85 14.76 6.51
N TYR B 216 -18.40 15.47 5.49
CA TYR B 216 -19.18 16.55 4.87
C TYR B 216 -19.67 17.54 5.92
N PRO B 217 -18.72 18.16 6.65
CA PRO B 217 -19.06 19.05 7.77
C PRO B 217 -19.97 20.19 7.32
N GLY B 218 -21.04 20.42 8.06
CA GLY B 218 -21.97 21.49 7.76
C GLY B 218 -23.07 21.11 6.77
N MET B 219 -22.84 20.07 5.98
CA MET B 219 -23.85 19.58 5.05
C MET B 219 -24.78 18.54 5.68
N VAL B 220 -26.05 18.59 5.33
CA VAL B 220 -27.00 17.59 5.76
C VAL B 220 -27.14 16.56 4.64
N ASN B 221 -27.81 15.45 4.94
CA ASN B 221 -27.99 14.35 3.98
C ASN B 221 -28.42 14.79 2.57
N ARG B 222 -29.43 15.66 2.50
CA ARG B 222 -29.92 16.14 1.22
C ARG B 222 -28.86 16.91 0.43
N GLU B 223 -28.16 17.86 1.06
CA GLU B 223 -27.15 18.61 0.31
C GLU B 223 -25.98 17.69 -0.07
N VAL B 224 -25.80 16.61 0.69
CA VAL B 224 -24.76 15.61 0.42
C VAL B 224 -25.06 14.83 -0.86
N LEU B 225 -26.30 14.34 -0.95
CA LEU B 225 -26.77 13.60 -2.13
C LEU B 225 -26.65 14.42 -3.41
N ASP B 226 -27.17 15.64 -3.36
CA ASP B 226 -27.11 16.54 -4.51
C ASP B 226 -25.68 16.90 -4.87
N GLN B 227 -24.85 17.11 -3.85
CA GLN B 227 -23.47 17.54 -4.08
C GLN B 227 -22.60 16.42 -4.63
N VAL B 228 -22.67 15.26 -4.01
CA VAL B 228 -21.86 14.14 -4.46
C VAL B 228 -22.27 13.75 -5.88
N GLU B 229 -23.57 13.82 -6.13
CA GLU B 229 -24.14 13.49 -7.43
C GLU B 229 -23.55 14.39 -8.52
N ARG B 230 -23.34 15.66 -8.19
CA ARG B 230 -22.77 16.61 -9.13
C ARG B 230 -21.25 16.69 -9.06
N GLY B 231 -20.62 15.69 -8.43
CA GLY B 231 -19.18 15.53 -8.50
C GLY B 231 -18.36 16.03 -7.32
N TYR B 232 -19.00 16.75 -6.40
CA TYR B 232 -18.30 17.20 -5.20
C TYR B 232 -17.67 16.05 -4.42
N ARG B 233 -16.44 16.25 -3.97
CA ARG B 233 -15.76 15.29 -3.10
C ARG B 233 -15.11 16.07 -1.95
N MET B 234 -14.91 15.38 -0.82
CA MET B 234 -14.21 15.99 0.30
C MET B 234 -12.76 16.23 -0.08
N PRO B 235 -12.22 17.38 0.30
CA PRO B 235 -10.83 17.74 0.01
C PRO B 235 -9.87 17.07 0.97
N CYS B 236 -8.58 17.15 0.65
CA CYS B 236 -7.52 16.65 1.52
C CYS B 236 -7.64 17.21 2.93
N PRO B 237 -7.88 16.35 3.94
CA PRO B 237 -7.93 16.80 5.34
C PRO B 237 -6.66 17.53 5.77
N PRO B 238 -6.77 18.49 6.68
CA PRO B 238 -5.55 19.15 7.18
C PRO B 238 -4.51 18.13 7.63
N GLU B 239 -3.31 18.24 7.05
CA GLU B 239 -2.13 17.44 7.40
C GLU B 239 -2.10 16.05 6.79
N CYS B 240 -3.18 15.65 6.16
CA CYS B 240 -3.22 14.37 5.47
C CYS B 240 -2.46 14.57 4.17
N PRO B 241 -1.56 13.63 3.82
CA PRO B 241 -0.77 13.69 2.59
C PRO B 241 -1.66 13.49 1.37
N GLU B 242 -1.32 14.16 0.28
CA GLU B 242 -2.15 14.12 -0.92
C GLU B 242 -2.34 12.68 -1.39
N SER B 243 -1.27 11.90 -1.34
CA SER B 243 -1.33 10.51 -1.76
C SER B 243 -2.49 9.77 -1.09
N LEU B 244 -2.69 10.02 0.19
CA LEU B 244 -3.76 9.38 0.93
C LEU B 244 -5.13 9.95 0.53
N HIS B 245 -5.20 11.24 0.24
CA HIS B 245 -6.47 11.82 -0.21
C HIS B 245 -6.78 11.32 -1.61
N ASP B 246 -5.73 11.03 -2.36
CA ASP B 246 -5.85 10.52 -3.70
C ASP B 246 -6.50 9.14 -3.63
N LEU B 247 -6.00 8.32 -2.70
CA LEU B 247 -6.58 7.00 -2.52
C LEU B 247 -8.07 7.15 -2.17
N MET B 248 -8.38 8.09 -1.28
CA MET B 248 -9.77 8.33 -0.95
C MET B 248 -10.54 8.59 -2.23
N CYS B 249 -10.00 9.47 -3.06
CA CYS B 249 -10.70 9.87 -4.28
C CYS B 249 -10.93 8.70 -5.23
N GLN B 250 -9.97 7.80 -5.30
CA GLN B 250 -10.16 6.59 -6.07
C GLN B 250 -11.33 5.78 -5.50
N CYS B 251 -11.45 5.80 -4.17
CA CYS B 251 -12.51 5.07 -3.48
C CYS B 251 -13.87 5.69 -3.76
N TRP B 252 -13.89 6.95 -4.16
CA TRP B 252 -15.15 7.62 -4.44
C TRP B 252 -15.42 7.85 -5.95
N ARG B 253 -14.71 7.11 -6.79
CA ARG B 253 -15.01 7.20 -8.22
C ARG B 253 -16.49 6.95 -8.49
N LYS B 254 -17.08 7.82 -9.30
CA LYS B 254 -18.48 7.72 -9.70
C LYS B 254 -18.80 6.30 -10.14
N ASP B 255 -17.91 5.72 -10.94
CA ASP B 255 -18.14 4.38 -11.44
C ASP B 255 -17.63 3.28 -10.49
N PRO B 256 -18.57 2.50 -9.91
CA PRO B 256 -18.26 1.38 -9.00
C PRO B 256 -17.05 0.58 -9.43
N GLU B 257 -16.99 0.17 -10.70
CA GLU B 257 -15.91 -0.67 -11.18
C GLU B 257 -14.57 0.06 -11.20
N GLU B 258 -14.59 1.39 -11.18
CA GLU B 258 -13.36 2.18 -11.16
C GLU B 258 -12.68 2.21 -9.78
N ARG B 259 -13.44 1.93 -8.73
CA ARG B 259 -12.91 1.88 -7.36
C ARG B 259 -11.95 0.71 -7.18
N PRO B 260 -10.93 0.87 -6.30
CA PRO B 260 -9.96 -0.21 -6.07
C PRO B 260 -10.55 -1.41 -5.32
N THR B 261 -9.84 -2.53 -5.31
CA THR B 261 -10.23 -3.65 -4.46
C THR B 261 -9.68 -3.43 -3.03
N PHE B 262 -10.23 -4.15 -2.08
CA PHE B 262 -9.70 -4.08 -0.76
C PHE B 262 -8.33 -4.73 -0.76
N GLU B 263 -8.14 -5.69 -1.67
CA GLU B 263 -6.85 -6.37 -1.78
C GLU B 263 -5.76 -5.35 -2.11
N TYR B 264 -6.03 -4.50 -3.09
CA TYR B 264 -5.16 -3.37 -3.40
C TYR B 264 -4.99 -2.40 -2.20
N LEU B 265 -6.10 -2.00 -1.60
CA LEU B 265 -6.11 -1.08 -0.48
C LEU B 265 -5.26 -1.60 0.68
N GLN B 266 -5.40 -2.87 1.01
CA GLN B 266 -4.66 -3.48 2.09
C GLN B 266 -3.15 -3.43 1.78
N ALA B 267 -2.76 -3.80 0.56
CA ALA B 267 -1.35 -3.84 0.20
C ALA B 267 -0.76 -2.44 0.18
N PHE B 268 -1.57 -1.47 -0.24
CA PHE B 268 -1.13 -0.09 -0.33
C PHE B 268 -0.98 0.55 1.06
N LEU B 269 -1.84 0.16 1.99
CA LEU B 269 -1.79 0.74 3.33
C LEU B 269 -0.69 0.10 4.12
N GLU B 270 -0.48 -1.19 3.87
CA GLU B 270 0.59 -1.91 4.54
C GLU B 270 1.98 -1.36 4.21
N ASP B 271 2.18 -1.01 2.95
CA ASP B 271 3.50 -0.61 2.44
C ASP B 271 3.59 0.90 2.39
N TYR B 272 2.58 1.58 2.92
CA TYR B 272 2.43 3.02 2.67
C TYR B 272 3.68 3.87 2.88
N PHE B 273 4.34 3.68 4.02
CA PHE B 273 5.41 4.56 4.43
C PHE B 273 6.76 4.17 3.83
N THR B 274 6.76 3.15 2.99
CA THR B 274 7.98 2.77 2.26
C THR B 274 7.79 3.07 0.77
N SER B 275 6.65 2.64 0.22
CA SER B 275 6.39 2.70 -1.22
C SER B 275 5.77 4.03 -1.70
N THR B 276 5.01 4.69 -0.83
CA THR B 276 4.23 5.85 -1.22
C THR B 276 4.71 7.13 -0.55
N GLU B 277 4.91 7.08 0.76
CA GLU B 277 5.18 8.30 1.50
C GLU B 277 6.42 8.14 2.39
N PRO B 278 7.59 7.85 1.78
CA PRO B 278 8.79 7.57 2.56
C PRO B 278 9.41 8.83 3.20
N GLN B 279 8.99 10.02 2.78
CA GLN B 279 9.52 11.25 3.36
C GLN B 279 8.58 11.82 4.43
N TYR B 280 7.66 10.99 4.93
CA TYR B 280 6.71 11.43 5.94
C TYR B 280 7.42 11.90 7.21
N GLN B 281 6.98 13.04 7.74
CA GLN B 281 7.47 13.55 9.02
C GLN B 281 6.27 13.95 9.89
N PRO B 282 6.28 13.53 11.16
CA PRO B 282 5.12 13.78 12.03
C PRO B 282 4.83 15.27 12.11
N GLY B 283 3.56 15.62 12.30
CA GLY B 283 3.14 17.00 12.42
C GLY B 283 2.44 17.20 13.75
N GLU B 284 1.81 18.35 13.90
CA GLU B 284 1.06 18.67 15.11
C GLU B 284 -0.06 17.67 15.39
N ASN B 285 -0.77 17.25 14.33
CA ASN B 285 -1.92 16.34 14.47
C ASN B 285 -1.82 14.98 13.77
N LEU B 286 -1.06 14.91 12.68
CA LEU B 286 -0.94 13.70 11.90
C LEU B 286 0.53 13.36 11.63
C1 STI C . 8.38 10.18 -14.42
C6 STI C . 9.48 10.57 -13.60
C5 STI C . 10.80 10.82 -14.19
C4 STI C . 10.97 10.65 -15.61
N3 STI C . 9.88 10.27 -16.38
C2 STI C . 8.60 10.03 -15.83
C7 STI C . 11.96 11.29 -13.38
C12 STI C . 11.89 11.64 -11.97
C11 STI C . 13.07 12.13 -11.36
N10 STI C . 14.24 12.29 -12.10
C9 STI C . 14.24 11.98 -13.45
N8 STI C . 13.12 11.52 -14.07
N13 STI C . 15.39 12.08 -14.23
C14 STI C . 16.60 12.58 -13.73
C19 STI C . 16.82 14.04 -13.60
C18 STI C . 18.09 14.48 -13.12
C17 STI C . 19.12 13.54 -12.77
C16 STI C . 18.90 12.14 -12.90
C15 STI C . 17.61 11.66 -13.39
N21 STI C . 19.99 11.28 -12.59
C22 STI C . 20.00 9.90 -12.52
C23 STI C . 21.33 9.23 -12.30
C25 STI C . 21.55 7.86 -12.76
C26 STI C . 22.84 7.24 -12.58
C27 STI C . 23.91 8.00 -11.95
C28 STI C . 23.67 9.36 -11.51
C29 STI C . 22.41 9.97 -11.69
C46 STI C . 25.31 7.40 -11.75
N48 STI C . 25.77 7.25 -10.34
C53 STI C . 24.72 6.72 -9.43
C52 STI C . 25.15 6.93 -7.95
N51 STI C . 26.51 6.33 -7.72
C54 STI C . 26.99 6.41 -6.34
C50 STI C . 27.61 6.70 -8.72
C49 STI C . 27.10 6.53 -10.18
O29 STI C . 19.01 9.19 -12.70
C20 STI C . 15.76 15.10 -13.94
C ACT D . 5.29 -5.18 -25.02
O ACT D . 6.41 -4.96 -24.57
OXT ACT D . 4.76 -6.38 -24.72
CH3 ACT D . 4.42 -4.32 -25.81
C1 GOL E . 15.42 -15.47 -26.53
O1 GOL E . 15.07 -16.74 -27.02
C2 GOL E . 16.79 -15.16 -27.18
O2 GOL E . 16.51 -14.55 -28.39
C3 GOL E . 17.53 -14.17 -26.25
O3 GOL E . 18.59 -13.65 -27.02
C1 STI F . -17.26 -3.27 23.28
C6 STI F . -18.38 -3.54 22.44
C5 STI F . -18.49 -4.82 21.74
C4 STI F . -17.44 -5.81 21.91
N3 STI F . -16.36 -5.51 22.74
C2 STI F . -16.26 -4.29 23.41
C7 STI F . -19.64 -5.16 20.86
C12 STI F . -20.80 -4.33 20.68
C11 STI F . -21.83 -4.79 19.81
N10 STI F . -21.70 -6.02 19.19
C9 STI F . -20.58 -6.79 19.39
N8 STI F . -19.59 -6.38 20.21
N13 STI F . -20.43 -8.02 18.75
C14 STI F . -21.53 -8.51 18.03
C19 STI F . -22.70 -9.07 18.73
C18 STI F . -23.80 -9.55 17.93
C17 STI F . -23.76 -9.48 16.49
C16 STI F . -22.63 -8.91 15.81
C15 STI F . -21.50 -8.43 16.61
N21 STI F . -22.58 -8.91 14.37
C22 STI F . -21.55 -8.41 13.57
C23 STI F . -21.59 -8.67 12.09
C25 STI F . -20.43 -8.37 11.26
C26 STI F . -20.45 -8.65 9.84
C27 STI F . -21.65 -9.25 9.27
C28 STI F . -22.79 -9.55 10.12
C29 STI F . -22.77 -9.27 11.50
C46 STI F . -21.77 -9.56 7.77
N48 STI F . -22.96 -8.99 7.07
C53 STI F . -23.21 -7.54 7.34
C52 STI F . -24.64 -7.15 6.85
N51 STI F . -24.84 -7.50 5.39
C54 STI F . -26.19 -7.19 4.87
C50 STI F . -24.43 -8.91 4.98
C49 STI F . -23.05 -9.34 5.58
O29 STI F . -20.57 -7.77 13.97
C20 STI F . -22.76 -9.18 20.28
#